data_2WY3
#
_entry.id   2WY3
#
_cell.length_a   58.120
_cell.length_b   104.170
_cell.length_c   146.800
_cell.angle_alpha   90.00
_cell.angle_beta   90.00
_cell.angle_gamma   90.00
#
_symmetry.space_group_name_H-M   'P 21 21 21'
#
loop_
_entity.id
_entity.type
_entity.pdbx_description
1 polymer 'MHC CLASS I POLYPEPTIDE-RELATED SEQUENCE B'
2 polymer 'UNCHARACTERIZED PROTEIN UL16'
3 non-polymer 2,5,8,11,14,17,20,23,26,29,32,35,38,41,44,47,50,53,56,59,62,65,68,71,74,77,80-HEPTACOSAOXADOOCTACONTAN-82-OL
4 non-polymer 'ACETATE ION'
5 non-polymer 2-acetamido-2-deoxy-beta-D-glucopyranose
6 water water
#
loop_
_entity_poly.entity_id
_entity_poly.type
_entity_poly.pdbx_seq_one_letter_code
_entity_poly.pdbx_strand_id
1 'polypeptide(L)'
;MEPHSLRYNLMVLSQDESVQSGFLAEGHLDGQPFLRYDRQKRRAKPQGQWAEDVLGAETWDTETEDLTENGQDLRRTLTH
IKDQKGGLHSLQEIRVCEIHEDSSTRGSRHFYYNGELFLSQNLETQESTVPQSSRAQTLAMNVTNFWKEDAMKTKTHYRA
MQADCLQKLQRYLKSGVAIRRTVPPMVNVTCSEVSEGNITVTCRASSFYPRNITLTWRQDGVSLSHNTQQWGDVLPDGNG
TYQTWVATRIRQGEEQRFTCYMEHSGNHGTHPVPSGKVLVLQSQRTDFPYVSAAMPCFVIIIILCVPCCKKKTSAAEGP
;
A,C
2 'polypeptide(L)'
;VDLGSKSSNSTCRLNVTELASIHPGETWTLHGMCISICYYENVTEDEIIGVAFTWQHNESVVDLWLYQNDTVIRNFSDIT
TNILQDGLKMRTVPVTKLYTSRMVTNLTVGRYDCLRCENGTTKIIERLYVRLGSLYPRPPGSGLAKHPSVSADEELSA
;
B,D
#
# COMPACT_ATOMS: atom_id res chain seq x y z
N MET A 1 29.74 -20.60 3.40
CA MET A 1 29.04 -19.31 3.41
C MET A 1 27.84 -19.34 2.48
N GLU A 2 26.71 -18.80 2.95
CA GLU A 2 25.50 -18.77 2.14
C GLU A 2 25.64 -17.82 0.96
N PRO A 3 24.92 -18.09 -0.13
CA PRO A 3 25.01 -17.23 -1.31
C PRO A 3 24.36 -15.88 -1.06
N HIS A 4 24.82 -14.84 -1.76
CA HIS A 4 24.11 -13.58 -1.78
C HIS A 4 22.94 -13.75 -2.72
N SER A 5 21.86 -13.03 -2.48
CA SER A 5 20.67 -13.23 -3.29
C SER A 5 19.85 -11.96 -3.40
N LEU A 6 19.12 -11.85 -4.52
CA LEU A 6 18.22 -10.75 -4.71
C LEU A 6 16.91 -11.40 -5.12
N ARG A 7 15.83 -11.10 -4.39
CA ARG A 7 14.55 -11.76 -4.65
C ARG A 7 13.45 -10.73 -4.83
N TYR A 8 12.74 -10.81 -5.97
CA TYR A 8 11.57 -9.96 -6.18
C TYR A 8 10.29 -10.79 -6.10
N ASN A 9 9.26 -10.18 -5.52
CA ASN A 9 7.97 -10.83 -5.32
C ASN A 9 6.90 -9.89 -5.84
N LEU A 10 6.27 -10.24 -6.96
CA LEU A 10 5.23 -9.40 -7.57
C LEU A 10 3.92 -10.15 -7.62
N MET A 11 2.81 -9.43 -7.49
CA MET A 11 1.51 -10.09 -7.55
C MET A 11 0.52 -9.19 -8.29
N VAL A 12 -0.31 -9.80 -9.13
CA VAL A 12 -1.41 -9.09 -9.79
C VAL A 12 -2.71 -9.82 -9.48
N LEU A 13 -3.83 -9.10 -9.59
CA LEU A 13 -5.12 -9.63 -9.16
C LEU A 13 -6.17 -9.43 -10.23
N SER A 14 -7.16 -10.32 -10.24
CA SER A 14 -8.26 -10.21 -11.17
C SER A 14 -9.56 -10.62 -10.49
N GLN A 15 -10.65 -10.03 -10.94
CA GLN A 15 -11.96 -10.47 -10.50
C GLN A 15 -12.99 -10.21 -11.59
N ASP A 16 -13.88 -11.17 -11.81
CA ASP A 16 -14.95 -11.04 -12.79
C ASP A 16 -14.42 -10.70 -14.18
N GLU A 17 -13.29 -11.29 -14.55
CA GLU A 17 -12.74 -11.13 -15.88
C GLU A 17 -11.90 -9.88 -16.07
N SER A 18 -11.77 -9.08 -15.02
CA SER A 18 -11.00 -7.84 -15.12
C SER A 18 -9.76 -7.87 -14.24
N VAL A 19 -8.60 -7.70 -14.85
CA VAL A 19 -7.35 -7.60 -14.09
C VAL A 19 -7.24 -6.22 -13.48
N GLN A 20 -7.10 -6.15 -12.16
CA GLN A 20 -7.06 -4.87 -11.47
C GLN A 20 -5.91 -4.02 -11.99
N SER A 21 -6.08 -2.71 -11.95
CA SER A 21 -4.98 -1.80 -12.26
C SER A 21 -3.84 -1.96 -11.27
N GLY A 22 -2.61 -1.82 -11.76
CA GLY A 22 -1.45 -1.85 -10.90
C GLY A 22 -1.05 -3.23 -10.45
N PHE A 23 -0.17 -3.30 -9.46
CA PHE A 23 0.37 -4.56 -8.96
C PHE A 23 0.96 -4.34 -7.57
N LEU A 24 1.27 -5.44 -6.88
CA LEU A 24 1.96 -5.41 -5.59
CA LEU A 24 1.97 -5.36 -5.60
C LEU A 24 3.39 -5.88 -5.82
N ALA A 25 4.34 -5.33 -5.07
CA ALA A 25 5.73 -5.77 -5.24
C ALA A 25 6.56 -5.54 -3.99
N GLU A 26 7.53 -6.42 -3.78
CA GLU A 26 8.49 -6.24 -2.70
C GLU A 26 9.81 -6.86 -3.12
N GLY A 27 10.91 -6.43 -2.52
CA GLY A 27 12.18 -7.03 -2.82
C GLY A 27 12.96 -7.30 -1.54
N HIS A 28 13.72 -8.39 -1.55
CA HIS A 28 14.58 -8.76 -0.44
C HIS A 28 16.01 -8.91 -0.95
N LEU A 29 16.96 -8.51 -0.13
CA LEU A 29 18.38 -8.63 -0.47
C LEU A 29 19.03 -9.44 0.63
N ASP A 30 19.66 -10.55 0.26
CA ASP A 30 20.23 -11.47 1.24
C ASP A 30 19.25 -11.78 2.37
N GLY A 31 18.00 -12.01 2.01
CA GLY A 31 16.99 -12.43 2.97
C GLY A 31 16.29 -11.34 3.74
N GLN A 32 16.72 -10.09 3.57
CA GLN A 32 16.14 -8.97 4.30
C GLN A 32 15.39 -8.04 3.37
N PRO A 33 14.23 -7.54 3.80
CA PRO A 33 13.49 -6.57 2.98
C PRO A 33 14.36 -5.36 2.68
N PHE A 34 14.35 -4.88 1.44
CA PHE A 34 15.03 -3.63 1.12
C PHE A 34 14.16 -2.77 0.22
N LEU A 35 13.13 -3.36 -0.37
CA LEU A 35 12.33 -2.64 -1.35
C LEU A 35 10.85 -2.85 -1.10
N ARG A 36 10.09 -1.78 -1.12
CA ARG A 36 8.64 -1.87 -1.11
C ARG A 36 8.13 -1.08 -2.30
N TYR A 37 6.88 -1.32 -2.68
CA TYR A 37 6.32 -0.64 -3.83
C TYR A 37 5.01 0.02 -3.42
N ASP A 38 4.94 1.33 -3.60
CA ASP A 38 3.76 2.12 -3.27
C ASP A 38 2.82 2.07 -4.46
N ARG A 39 1.77 1.26 -4.36
CA ARG A 39 0.90 0.98 -5.50
C ARG A 39 0.17 2.24 -5.99
N GLN A 40 -0.11 3.16 -5.08
CA GLN A 40 -0.80 4.40 -5.42
C GLN A 40 0.13 5.38 -6.12
N LYS A 41 1.23 5.72 -5.44
CA LYS A 41 2.24 6.60 -6.00
C LYS A 41 2.94 5.97 -7.20
N ARG A 42 2.80 4.65 -7.32
CA ARG A 42 3.47 3.90 -8.39
C ARG A 42 4.99 4.14 -8.34
N ARG A 43 5.55 4.00 -7.14
CA ARG A 43 6.97 4.21 -6.92
C ARG A 43 7.56 3.10 -6.07
N ALA A 44 8.72 2.60 -6.48
CA ALA A 44 9.50 1.74 -5.61
C ALA A 44 10.11 2.63 -4.54
N LYS A 45 10.15 2.14 -3.31
CA LYS A 45 10.73 2.89 -2.21
C LYS A 45 11.58 2.01 -1.30
N PRO A 46 12.52 2.62 -0.58
CA PRO A 46 13.34 1.84 0.35
C PRO A 46 12.50 1.27 1.48
N GLN A 47 12.86 0.09 1.94
CA GLN A 47 12.27 -0.50 3.13
C GLN A 47 13.43 -0.72 4.10
N GLY A 48 13.40 -0.02 5.23
CA GLY A 48 14.43 -0.18 6.25
C GLY A 48 15.47 0.93 6.21
N GLN A 49 16.12 1.17 7.35
CA GLN A 49 17.13 2.22 7.46
C GLN A 49 18.30 2.06 6.50
N TRP A 50 18.77 0.83 6.33
CA TRP A 50 19.91 0.57 5.45
C TRP A 50 19.59 0.96 4.00
N ALA A 51 18.45 0.51 3.50
CA ALA A 51 18.06 0.87 2.14
C ALA A 51 17.82 2.37 2.00
N GLU A 52 17.28 2.99 3.04
CA GLU A 52 17.00 4.41 3.01
C GLU A 52 18.27 5.28 2.94
N ASP A 53 19.27 4.91 3.73
CA ASP A 53 20.41 5.80 3.93
C ASP A 53 21.69 5.39 3.21
N VAL A 54 21.81 4.11 2.87
CA VAL A 54 23.02 3.60 2.23
C VAL A 54 22.90 3.50 0.72
N LEU A 55 21.82 2.89 0.23
CA LEU A 55 21.62 2.79 -1.21
C LEU A 55 21.43 4.16 -1.84
N GLY A 56 22.03 4.36 -3.02
CA GLY A 56 21.83 5.59 -3.76
C GLY A 56 20.37 5.78 -4.11
N ALA A 57 19.91 7.03 -4.17
CA ALA A 57 18.50 7.29 -4.44
C ALA A 57 18.11 6.91 -5.86
N GLU A 58 19.10 6.83 -6.76
CA GLU A 58 18.85 6.42 -8.13
C GLU A 58 18.31 4.99 -8.17
N THR A 59 18.57 4.23 -7.11
CA THR A 59 18.07 2.85 -6.98
C THR A 59 16.57 2.81 -7.26
N TRP A 60 15.84 3.77 -6.72
CA TRP A 60 14.38 3.72 -6.76
C TRP A 60 13.84 4.18 -8.11
N ASP A 61 14.62 4.97 -8.83
CA ASP A 61 14.23 5.36 -10.18
C ASP A 61 14.29 4.14 -11.10
N THR A 62 15.41 3.41 -11.00
N THR A 62 15.40 3.39 -11.03
CA THR A 62 15.63 2.21 -11.82
CA THR A 62 15.56 2.22 -11.88
C THR A 62 14.63 1.11 -11.47
C THR A 62 14.63 1.09 -11.47
N GLU A 63 14.47 0.86 -10.17
CA GLU A 63 13.54 -0.18 -9.71
C GLU A 63 12.10 0.18 -10.10
N THR A 64 11.76 1.47 -10.05
CA THR A 64 10.39 1.87 -10.44
C THR A 64 10.15 1.49 -11.90
N GLU A 65 11.09 1.81 -12.77
CA GLU A 65 10.95 1.49 -14.19
C GLU A 65 10.91 -0.02 -14.45
N ASP A 66 11.81 -0.74 -13.78
CA ASP A 66 11.91 -2.19 -13.98
C ASP A 66 10.67 -2.92 -13.46
N LEU A 67 10.20 -2.51 -12.28
CA LEU A 67 8.99 -3.12 -11.72
C LEU A 67 7.75 -2.84 -12.56
N THR A 68 7.70 -1.64 -13.15
CA THR A 68 6.58 -1.29 -14.00
C THR A 68 6.54 -2.19 -15.23
N GLU A 69 7.71 -2.42 -15.83
CA GLU A 69 7.79 -3.30 -16.99
C GLU A 69 7.35 -4.72 -16.60
N ASN A 70 7.90 -5.23 -15.50
CA ASN A 70 7.60 -6.58 -15.01
C ASN A 70 6.13 -6.74 -14.60
N GLY A 71 5.61 -5.73 -13.91
CA GLY A 71 4.27 -5.80 -13.37
C GLY A 71 3.21 -5.74 -14.45
N GLN A 72 3.45 -4.92 -15.46
CA GLN A 72 2.52 -4.84 -16.59
C GLN A 72 2.56 -6.15 -17.40
N ASP A 73 3.74 -6.74 -17.51
CA ASP A 73 3.88 -8.04 -18.15
CA ASP A 73 3.87 -8.04 -18.17
C ASP A 73 3.05 -9.08 -17.42
N LEU A 74 3.09 -9.01 -16.09
CA LEU A 74 2.36 -9.99 -15.29
C LEU A 74 0.84 -9.77 -15.39
N ARG A 75 0.41 -8.51 -15.43
CA ARG A 75 -1.00 -8.21 -15.67
C ARG A 75 -1.49 -8.80 -16.99
N ARG A 76 -0.66 -8.67 -18.04
CA ARG A 76 -0.98 -9.22 -19.35
C ARG A 76 -1.12 -10.74 -19.29
N THR A 77 -0.19 -11.37 -18.58
CA THR A 77 -0.21 -12.83 -18.43
C THR A 77 -1.48 -13.30 -17.72
N LEU A 78 -1.88 -12.60 -16.66
CA LEU A 78 -3.09 -12.98 -15.94
C LEU A 78 -4.31 -12.86 -16.83
N THR A 79 -4.34 -11.82 -17.66
CA THR A 79 -5.44 -11.63 -18.59
C THR A 79 -5.68 -12.88 -19.44
N HIS A 80 -4.61 -13.61 -19.73
CA HIS A 80 -4.68 -14.71 -20.69
C HIS A 80 -4.77 -16.09 -20.05
N ILE A 81 -4.87 -16.12 -18.73
CA ILE A 81 -5.16 -17.37 -18.02
C ILE A 81 -6.65 -17.61 -18.05
N LYS A 82 -7.06 -18.77 -18.56
CA LYS A 82 -8.47 -19.11 -18.65
C LYS A 82 -9.02 -19.54 -17.29
N ASP A 83 -9.87 -18.69 -16.71
CA ASP A 83 -10.53 -18.98 -15.44
C ASP A 83 -11.80 -18.16 -15.35
N GLN A 84 -12.94 -18.82 -15.56
CA GLN A 84 -14.23 -18.13 -15.62
C GLN A 84 -14.97 -18.16 -14.28
N LYS A 85 -14.35 -18.79 -13.28
CA LYS A 85 -14.92 -18.83 -11.95
C LYS A 85 -14.89 -17.44 -11.32
N GLY A 86 -15.86 -17.14 -10.47
CA GLY A 86 -15.89 -15.88 -9.76
C GLY A 86 -14.80 -15.82 -8.71
N GLY A 87 -14.83 -14.78 -7.88
CA GLY A 87 -13.88 -14.62 -6.80
C GLY A 87 -12.62 -13.88 -7.20
N LEU A 88 -11.83 -13.49 -6.21
CA LEU A 88 -10.57 -12.81 -6.43
C LEU A 88 -9.51 -13.84 -6.80
N HIS A 89 -8.84 -13.63 -7.94
CA HIS A 89 -7.79 -14.53 -8.39
C HIS A 89 -6.44 -13.80 -8.33
N SER A 90 -5.37 -14.55 -8.07
CA SER A 90 -4.06 -13.91 -7.99
C SER A 90 -3.03 -14.65 -8.84
N LEU A 91 -2.10 -13.89 -9.41
CA LEU A 91 -0.93 -14.45 -10.08
C LEU A 91 0.29 -13.79 -9.48
N GLN A 92 1.19 -14.61 -8.98
CA GLN A 92 2.38 -14.13 -8.28
C GLN A 92 3.60 -14.68 -8.98
N GLU A 93 4.60 -13.82 -9.16
CA GLU A 93 5.87 -14.25 -9.73
C GLU A 93 6.95 -13.96 -8.70
N ILE A 94 7.76 -14.96 -8.40
CA ILE A 94 8.93 -14.79 -7.56
C ILE A 94 10.16 -14.93 -8.44
N ARG A 95 11.01 -13.91 -8.48
CA ARG A 95 12.17 -13.93 -9.34
C ARG A 95 13.41 -13.79 -8.45
N VAL A 96 14.39 -14.65 -8.63
CA VAL A 96 15.56 -14.63 -7.77
CA VAL A 96 15.56 -14.71 -7.75
C VAL A 96 16.86 -14.84 -8.54
N CYS A 97 17.91 -14.17 -8.09
CA CYS A 97 19.25 -14.46 -8.60
C CYS A 97 20.20 -14.55 -7.42
N GLU A 98 21.25 -15.34 -7.59
CA GLU A 98 22.18 -15.62 -6.51
C GLU A 98 23.61 -15.54 -6.99
N ILE A 99 24.51 -15.12 -6.09
CA ILE A 99 25.94 -15.23 -6.32
C ILE A 99 26.50 -16.08 -5.19
N HIS A 100 27.12 -17.20 -5.55
CA HIS A 100 27.57 -18.19 -4.57
C HIS A 100 29.02 -17.93 -4.18
N GLU A 101 29.49 -18.60 -3.14
CA GLU A 101 30.84 -18.35 -2.63
C GLU A 101 31.93 -18.66 -3.64
N ASP A 102 31.68 -19.59 -4.55
CA ASP A 102 32.63 -19.89 -5.61
C ASP A 102 32.49 -18.92 -6.79
N SER A 103 31.70 -17.87 -6.57
CA SER A 103 31.49 -16.81 -7.57
C SER A 103 30.57 -17.19 -8.73
N SER A 104 30.06 -18.41 -8.72
CA SER A 104 29.08 -18.82 -9.72
C SER A 104 27.71 -18.20 -9.42
N THR A 105 26.85 -18.17 -10.42
CA THR A 105 25.55 -17.52 -10.31
C THR A 105 24.40 -18.48 -10.56
N ARG A 106 23.23 -18.14 -10.03
CA ARG A 106 22.00 -18.89 -10.31
C ARG A 106 20.89 -17.90 -10.57
N GLY A 107 19.83 -18.34 -11.22
CA GLY A 107 18.66 -17.48 -11.37
C GLY A 107 17.44 -18.26 -11.81
N SER A 108 16.29 -17.87 -11.30
CA SER A 108 15.05 -18.57 -11.65
C SER A 108 13.83 -17.70 -11.42
N ARG A 109 12.72 -18.10 -12.03
CA ARG A 109 11.45 -17.49 -11.68
C ARG A 109 10.40 -18.56 -11.46
N HIS A 110 9.42 -18.22 -10.64
CA HIS A 110 8.42 -19.20 -10.21
C HIS A 110 7.08 -18.50 -10.20
N PHE A 111 6.06 -19.18 -10.73
CA PHE A 111 4.74 -18.58 -10.86
C PHE A 111 3.73 -19.35 -10.03
N TYR A 112 2.87 -18.61 -9.33
CA TYR A 112 1.87 -19.19 -8.46
C TYR A 112 0.50 -18.62 -8.84
N TYR A 113 -0.49 -19.50 -9.05
CA TYR A 113 -1.83 -19.04 -9.35
C TYR A 113 -2.75 -19.39 -8.19
N ASN A 114 -3.39 -18.38 -7.62
CA ASN A 114 -4.15 -18.59 -6.38
C ASN A 114 -3.34 -19.33 -5.34
N GLY A 115 -2.06 -19.04 -5.29
CA GLY A 115 -1.18 -19.58 -4.27
C GLY A 115 -0.49 -20.88 -4.64
N GLU A 116 -0.85 -21.44 -5.79
CA GLU A 116 -0.35 -22.76 -6.20
C GLU A 116 0.76 -22.65 -7.26
N LEU A 117 1.92 -23.22 -6.97
CA LEU A 117 3.02 -23.24 -7.94
C LEU A 117 2.60 -23.99 -9.19
N PHE A 118 2.82 -23.41 -10.37
CA PHE A 118 2.48 -24.12 -11.60
C PHE A 118 3.58 -24.08 -12.67
N LEU A 119 4.62 -23.28 -12.45
CA LEU A 119 5.69 -23.15 -13.44
C LEU A 119 6.94 -22.56 -12.79
N SER A 120 8.08 -23.20 -13.04
CA SER A 120 9.38 -22.65 -12.65
C SER A 120 10.29 -22.65 -13.87
N GLN A 121 11.08 -21.60 -14.03
CA GLN A 121 11.99 -21.52 -15.14
C GLN A 121 13.40 -21.17 -14.62
N ASN A 122 14.40 -21.89 -15.12
CA ASN A 122 15.79 -21.60 -14.80
C ASN A 122 16.26 -20.58 -15.81
N LEU A 123 16.61 -19.38 -15.33
CA LEU A 123 16.92 -18.27 -16.23
C LEU A 123 18.29 -18.40 -16.86
N GLU A 124 19.13 -19.28 -16.31
CA GLU A 124 20.44 -19.49 -16.89
C GLU A 124 20.47 -20.61 -17.93
N THR A 125 19.61 -21.61 -17.78
CA THR A 125 19.56 -22.74 -18.71
C THR A 125 18.34 -22.76 -19.63
N GLN A 126 17.35 -21.96 -19.27
CA GLN A 126 16.09 -21.86 -20.01
CA GLN A 126 16.09 -21.87 -20.03
C GLN A 126 15.18 -23.07 -19.80
N GLU A 127 15.59 -23.99 -18.93
CA GLU A 127 14.78 -25.16 -18.61
C GLU A 127 13.55 -24.79 -17.79
N SER A 128 12.39 -25.33 -18.16
CA SER A 128 11.15 -25.08 -17.43
CA SER A 128 11.17 -25.07 -17.41
C SER A 128 10.71 -26.35 -16.72
N THR A 129 10.09 -26.20 -15.55
CA THR A 129 9.60 -27.31 -14.76
C THR A 129 8.15 -27.08 -14.36
N VAL A 130 7.29 -28.06 -14.59
CA VAL A 130 5.87 -27.93 -14.24
C VAL A 130 5.47 -29.06 -13.29
N PRO A 131 4.79 -28.73 -12.18
CA PRO A 131 4.41 -29.79 -11.23
C PRO A 131 3.56 -30.85 -11.92
N GLN A 132 3.62 -32.08 -11.42
CA GLN A 132 2.80 -33.14 -11.99
C GLN A 132 1.39 -33.03 -11.43
N SER A 133 0.58 -32.20 -12.07
CA SER A 133 -0.84 -32.14 -11.76
C SER A 133 -1.57 -31.62 -12.98
N SER A 134 -2.78 -32.11 -13.20
CA SER A 134 -3.54 -31.69 -14.38
C SER A 134 -3.78 -30.18 -14.33
N ARG A 135 -4.14 -29.66 -13.17
CA ARG A 135 -4.39 -28.21 -13.07
C ARG A 135 -3.13 -27.39 -13.39
N ALA A 136 -1.99 -27.76 -12.82
CA ALA A 136 -0.77 -26.98 -13.05
C ALA A 136 -0.33 -27.05 -14.51
N GLN A 137 -0.56 -28.20 -15.14
N GLN A 137 -0.54 -28.21 -15.13
CA GLN A 137 -0.13 -28.40 -16.52
CA GLN A 137 -0.15 -28.40 -16.52
C GLN A 137 -1.01 -27.60 -17.49
C GLN A 137 -0.98 -27.49 -17.41
N THR A 138 -2.28 -27.42 -17.12
CA THR A 138 -3.20 -26.57 -17.88
C THR A 138 -2.78 -25.10 -17.75
N LEU A 139 -2.58 -24.65 -16.52
CA LEU A 139 -2.09 -23.27 -16.30
C LEU A 139 -0.78 -22.99 -17.02
N ALA A 140 0.19 -23.90 -16.93
CA ALA A 140 1.48 -23.65 -17.55
C ALA A 140 1.39 -23.61 -19.08
N MET A 141 0.52 -24.46 -19.64
CA MET A 141 0.33 -24.47 -21.09
C MET A 141 -0.29 -23.14 -21.52
N ASN A 142 -1.28 -22.71 -20.75
CA ASN A 142 -1.96 -21.44 -20.94
C ASN A 142 -0.95 -20.29 -21.05
N VAL A 143 -0.11 -20.17 -20.03
CA VAL A 143 0.88 -19.10 -19.96
C VAL A 143 1.96 -19.23 -21.03
N THR A 144 2.56 -20.41 -21.16
CA THR A 144 3.69 -20.56 -22.08
C THR A 144 3.27 -20.37 -23.54
N ASN A 145 2.05 -20.79 -23.86
CA ASN A 145 1.49 -20.55 -25.19
C ASN A 145 1.31 -19.07 -25.49
N PHE A 146 0.79 -18.32 -24.50
CA PHE A 146 0.63 -16.88 -24.66
C PHE A 146 1.97 -16.22 -24.92
N TRP A 147 3.00 -16.64 -24.20
CA TRP A 147 4.32 -16.06 -24.39
C TRP A 147 4.88 -16.34 -25.77
N LYS A 148 4.76 -17.58 -26.21
CA LYS A 148 5.18 -17.97 -27.56
C LYS A 148 4.61 -17.01 -28.59
N GLU A 149 3.32 -16.72 -28.45
CA GLU A 149 2.63 -15.81 -29.36
C GLU A 149 2.11 -14.58 -28.62
N LYS A 153 12.73 -13.73 -29.80
CA LYS A 153 13.76 -13.47 -28.80
C LYS A 153 13.46 -14.12 -27.45
N THR A 154 12.98 -15.36 -27.47
CA THR A 154 12.65 -16.05 -26.23
C THR A 154 13.87 -16.19 -25.32
N LYS A 155 14.94 -16.80 -25.83
CA LYS A 155 16.16 -16.96 -25.06
C LYS A 155 16.70 -15.62 -24.57
N THR A 156 16.73 -14.63 -25.46
CA THR A 156 17.23 -13.32 -25.08
C THR A 156 16.42 -12.73 -23.95
N HIS A 157 15.10 -12.83 -24.05
CA HIS A 157 14.20 -12.34 -23.01
C HIS A 157 14.54 -12.90 -21.62
N TYR A 158 14.69 -14.22 -21.51
CA TYR A 158 15.00 -14.84 -20.22
C TYR A 158 16.40 -14.49 -19.72
N ARG A 159 17.38 -14.49 -20.62
CA ARG A 159 18.73 -14.17 -20.19
C ARG A 159 18.85 -12.71 -19.79
N ALA A 160 18.05 -11.85 -20.42
CA ALA A 160 18.11 -10.44 -20.07
C ALA A 160 17.57 -10.20 -18.65
N MET A 161 16.55 -10.97 -18.26
CA MET A 161 16.03 -10.87 -16.90
C MET A 161 17.10 -11.21 -15.89
N GLN A 162 17.88 -12.25 -16.20
CA GLN A 162 18.95 -12.68 -15.31
C GLN A 162 20.05 -11.64 -15.24
N ALA A 163 20.40 -11.08 -16.40
CA ALA A 163 21.41 -10.02 -16.46
C ALA A 163 20.99 -8.81 -15.62
N ASP A 164 19.74 -8.40 -15.75
CA ASP A 164 19.21 -7.27 -14.97
C ASP A 164 19.40 -7.52 -13.49
N CYS A 165 19.02 -8.71 -13.06
CA CYS A 165 19.03 -9.08 -11.64
C CYS A 165 20.46 -9.09 -11.12
N LEU A 166 21.34 -9.77 -11.83
CA LEU A 166 22.72 -9.90 -11.40
C LEU A 166 23.41 -8.55 -11.32
N GLN A 167 23.13 -7.69 -12.31
CA GLN A 167 23.73 -6.36 -12.30
C GLN A 167 23.30 -5.58 -11.05
N LYS A 168 22.03 -5.71 -10.70
CA LYS A 168 21.52 -5.01 -9.51
C LYS A 168 22.10 -5.57 -8.22
N LEU A 169 22.16 -6.89 -8.13
CA LEU A 169 22.72 -7.54 -6.95
C LEU A 169 24.15 -7.10 -6.71
N GLN A 170 24.96 -7.11 -7.77
N GLN A 170 24.95 -7.12 -7.77
CA GLN A 170 26.36 -6.69 -7.65
CA GLN A 170 26.36 -6.69 -7.68
C GLN A 170 26.44 -5.25 -7.15
C GLN A 170 26.45 -5.25 -7.15
N ARG A 171 25.63 -4.37 -7.73
CA ARG A 171 25.60 -2.97 -7.31
C ARG A 171 25.16 -2.80 -5.84
N TYR A 172 24.11 -3.51 -5.44
CA TYR A 172 23.61 -3.39 -4.06
C TYR A 172 24.62 -3.91 -3.04
N LEU A 173 25.33 -4.98 -3.38
CA LEU A 173 26.32 -5.57 -2.48
C LEU A 173 27.49 -4.63 -2.28
N LYS A 174 27.81 -3.86 -3.32
CA LYS A 174 28.93 -2.95 -3.25
C LYS A 174 28.59 -1.80 -2.31
N SER A 175 27.35 -1.35 -2.39
CA SER A 175 26.91 -0.20 -1.60
C SER A 175 27.01 -0.45 -0.10
N GLY A 176 26.66 -1.66 0.32
CA GLY A 176 26.69 -2.02 1.74
C GLY A 176 28.10 -2.06 2.29
N VAL B 1 33.39 0.73 -41.07
CA VAL B 1 32.03 0.37 -40.72
C VAL B 1 31.23 1.61 -40.31
N ASP B 2 29.96 1.67 -40.72
CA ASP B 2 29.12 2.82 -40.44
C ASP B 2 28.16 2.51 -39.31
N LEU B 3 27.83 3.56 -38.54
CA LEU B 3 26.83 3.50 -37.49
C LEU B 3 25.79 4.58 -37.81
N GLY B 4 24.66 4.53 -37.12
CA GLY B 4 23.69 5.61 -37.21
C GLY B 4 22.54 5.32 -38.17
N SER B 5 21.84 6.38 -38.57
CA SER B 5 20.60 6.23 -39.34
C SER B 5 20.63 7.02 -40.63
N LYS B 6 20.47 6.32 -41.76
CA LYS B 6 20.40 7.01 -43.05
C LYS B 6 19.16 7.88 -43.17
N SER B 7 18.03 7.41 -42.64
CA SER B 7 16.79 8.17 -42.77
C SER B 7 16.83 9.47 -41.98
N SER B 8 17.60 9.49 -40.90
CA SER B 8 17.71 10.68 -40.05
C SER B 8 18.91 11.52 -40.46
N ASN B 9 19.56 11.14 -41.56
CA ASN B 9 20.75 11.84 -42.02
C ASN B 9 21.81 11.94 -40.93
N SER B 10 21.89 10.90 -40.10
CA SER B 10 22.87 10.88 -39.03
C SER B 10 23.67 9.60 -39.09
N THR B 11 24.66 9.57 -39.98
N THR B 11 24.65 9.57 -39.99
CA THR B 11 25.51 8.40 -40.10
CA THR B 11 25.51 8.40 -40.15
C THR B 11 26.95 8.77 -39.77
C THR B 11 26.92 8.78 -39.74
N CYS B 12 27.64 7.85 -39.13
CA CYS B 12 29.00 8.06 -38.61
CA CYS B 12 29.01 8.13 -38.77
C CYS B 12 29.93 6.95 -39.10
N ARG B 13 31.11 7.27 -39.59
CA ARG B 13 32.09 6.23 -39.90
C ARG B 13 32.87 5.94 -38.62
N LEU B 14 32.83 4.69 -38.17
CA LEU B 14 33.49 4.34 -36.93
C LEU B 14 35.01 4.38 -37.07
N ASN B 15 35.66 5.08 -36.15
CA ASN B 15 37.12 5.04 -36.07
C ASN B 15 37.48 4.64 -34.65
N VAL B 16 37.85 3.38 -34.48
CA VAL B 16 38.03 2.84 -33.11
C VAL B 16 39.14 3.55 -32.36
N THR B 17 40.09 4.12 -33.10
CA THR B 17 41.22 4.83 -32.51
C THR B 17 40.76 6.12 -31.80
N GLU B 18 39.56 6.60 -32.13
CA GLU B 18 39.08 7.84 -31.53
C GLU B 18 38.26 7.58 -30.27
N LEU B 19 37.89 6.33 -30.04
CA LEU B 19 36.96 6.03 -28.94
C LEU B 19 37.51 6.40 -27.56
N ALA B 20 38.79 6.15 -27.34
CA ALA B 20 39.36 6.39 -26.01
C ALA B 20 39.13 7.82 -25.52
N SER B 21 39.25 8.78 -26.43
CA SER B 21 39.15 10.21 -26.09
C SER B 21 37.73 10.77 -26.00
N ILE B 22 36.74 10.00 -26.42
CA ILE B 22 35.35 10.46 -26.35
C ILE B 22 34.86 10.42 -24.90
N HIS B 23 34.20 11.50 -24.47
CA HIS B 23 33.62 11.55 -23.12
C HIS B 23 32.31 10.77 -23.08
N PRO B 24 32.26 9.70 -22.29
CA PRO B 24 31.04 8.87 -22.23
C PRO B 24 29.94 9.51 -21.40
N GLY B 25 28.70 9.18 -21.70
CA GLY B 25 27.58 9.69 -20.93
C GLY B 25 27.61 9.22 -19.48
N GLU B 26 28.12 8.01 -19.27
CA GLU B 26 28.21 7.41 -17.94
C GLU B 26 29.37 6.42 -18.03
N THR B 27 30.11 6.22 -16.95
N THR B 27 30.14 6.29 -16.96
N THR B 27 30.17 6.31 -16.98
CA THR B 27 31.29 5.36 -16.98
CA THR B 27 31.27 5.38 -16.92
CA THR B 27 31.26 5.34 -16.97
C THR B 27 31.57 4.74 -15.62
C THR B 27 31.32 4.66 -15.58
C THR B 27 31.37 4.67 -15.60
N TRP B 28 31.82 3.43 -15.59
CA TRP B 28 32.01 2.70 -14.34
C TRP B 28 32.80 1.43 -14.57
N THR B 29 33.15 0.75 -13.48
CA THR B 29 34.06 -0.40 -13.53
C THR B 29 33.42 -1.54 -12.73
N LEU B 30 33.49 -2.76 -13.28
CA LEU B 30 33.08 -3.96 -12.54
C LEU B 30 34.29 -4.86 -12.36
N HIS B 31 34.41 -5.47 -11.18
CA HIS B 31 35.44 -6.45 -10.92
C HIS B 31 34.81 -7.84 -10.80
N GLY B 32 35.15 -8.74 -11.71
CA GLY B 32 34.68 -10.13 -11.63
C GLY B 32 33.36 -10.34 -12.32
N MET B 33 32.86 -9.32 -12.99
CA MET B 33 31.58 -9.42 -13.70
C MET B 33 31.64 -8.64 -15.00
N CYS B 34 31.06 -9.19 -16.06
CA CYS B 34 30.94 -8.45 -17.31
C CYS B 34 29.48 -8.46 -17.75
N ILE B 35 28.72 -7.51 -17.24
CA ILE B 35 27.35 -7.30 -17.67
C ILE B 35 27.16 -5.82 -17.98
N SER B 36 26.99 -5.53 -19.27
CA SER B 36 26.71 -4.19 -19.75
C SER B 36 25.29 -4.17 -20.30
N ILE B 37 24.49 -3.21 -19.84
CA ILE B 37 23.12 -3.07 -20.31
C ILE B 37 22.91 -1.61 -20.70
N CYS B 38 22.96 -1.31 -21.98
CA CYS B 38 22.89 0.06 -22.44
CA CYS B 38 22.88 0.08 -22.42
C CYS B 38 21.51 0.49 -22.93
N TYR B 39 21.14 1.70 -22.57
CA TYR B 39 19.78 2.19 -22.66
C TYR B 39 19.63 3.20 -23.80
N TYR B 40 18.85 2.85 -24.82
CA TYR B 40 18.68 3.69 -26.01
C TYR B 40 17.23 4.09 -26.18
N GLU B 41 16.96 5.39 -26.12
CA GLU B 41 15.59 5.86 -26.40
C GLU B 41 15.40 6.17 -27.88
N ASN B 42 14.20 5.97 -28.40
N ASN B 42 14.20 5.89 -28.36
CA ASN B 42 13.88 6.42 -29.75
CA ASN B 42 13.75 6.27 -29.71
C ASN B 42 14.82 5.84 -30.82
C ASN B 42 14.66 5.80 -30.85
N VAL B 43 15.02 4.54 -30.80
CA VAL B 43 15.82 3.92 -31.86
C VAL B 43 14.95 3.77 -33.10
N THR B 44 15.43 4.22 -34.26
CA THR B 44 14.63 4.07 -35.48
C THR B 44 14.91 2.73 -36.15
N GLU B 45 14.01 2.31 -37.04
CA GLU B 45 14.14 1.02 -37.70
C GLU B 45 15.49 0.81 -38.38
N ASP B 46 16.00 1.85 -39.03
CA ASP B 46 17.24 1.70 -39.79
C ASP B 46 18.49 2.05 -38.99
N GLU B 47 18.33 2.41 -37.72
CA GLU B 47 19.48 2.88 -36.94
C GLU B 47 20.40 1.74 -36.51
N ILE B 48 21.68 1.89 -36.85
CA ILE B 48 22.70 0.96 -36.41
C ILE B 48 23.32 1.46 -35.12
N ILE B 49 23.20 0.63 -34.08
CA ILE B 49 23.83 0.90 -32.79
C ILE B 49 24.71 -0.31 -32.43
N GLY B 50 25.51 -0.22 -31.39
CA GLY B 50 26.36 -1.35 -31.08
C GLY B 50 27.31 -1.13 -29.94
N VAL B 51 28.20 -2.10 -29.75
CA VAL B 51 29.10 -2.10 -28.60
C VAL B 51 30.51 -2.44 -29.06
N ALA B 52 31.47 -1.58 -28.72
CA ALA B 52 32.88 -1.83 -29.01
C ALA B 52 33.56 -2.38 -27.77
N PHE B 53 34.43 -3.38 -27.97
CA PHE B 53 35.21 -3.96 -26.89
C PHE B 53 36.71 -3.77 -27.14
N THR B 54 37.36 -3.01 -26.27
CA THR B 54 38.82 -2.79 -26.40
C THR B 54 39.52 -3.61 -25.32
N TRP B 55 40.41 -4.52 -25.73
CA TRP B 55 41.06 -5.43 -24.78
C TRP B 55 41.94 -4.67 -23.78
N GLN B 56 41.88 -5.04 -22.50
CA GLN B 56 42.67 -4.34 -21.50
C GLN B 56 44.15 -4.35 -21.86
N HIS B 57 44.59 -5.44 -22.47
CA HIS B 57 46.03 -5.68 -22.62
C HIS B 57 46.60 -5.21 -23.95
N ASN B 58 45.75 -4.71 -24.83
CA ASN B 58 46.24 -4.08 -26.05
C ASN B 58 45.16 -3.18 -26.61
N GLU B 59 45.36 -1.88 -26.43
CA GLU B 59 44.36 -0.86 -26.78
C GLU B 59 44.05 -0.86 -28.27
N SER B 60 44.92 -1.47 -29.07
CA SER B 60 44.72 -1.55 -30.51
C SER B 60 43.81 -2.72 -30.91
N VAL B 61 43.53 -3.62 -29.98
CA VAL B 61 42.72 -4.79 -30.28
C VAL B 61 41.27 -4.53 -29.89
N VAL B 62 40.41 -4.35 -30.89
CA VAL B 62 39.04 -3.88 -30.64
C VAL B 62 38.04 -4.74 -31.41
N ASP B 63 37.04 -5.25 -30.71
CA ASP B 63 35.98 -6.04 -31.31
C ASP B 63 34.69 -5.22 -31.32
N LEU B 64 33.68 -5.71 -32.02
CA LEU B 64 32.47 -4.91 -32.21
C LEU B 64 31.30 -5.83 -32.46
N TRP B 65 30.15 -5.54 -31.85
CA TRP B 65 28.91 -6.13 -32.31
C TRP B 65 27.89 -5.05 -32.61
N LEU B 66 27.02 -5.29 -33.58
CA LEU B 66 26.12 -4.27 -34.10
C LEU B 66 24.68 -4.76 -34.18
N TYR B 67 23.76 -3.82 -34.01
CA TYR B 67 22.32 -4.10 -33.92
C TYR B 67 21.57 -3.14 -34.83
N GLN B 68 20.58 -3.63 -35.56
CA GLN B 68 19.77 -2.80 -36.44
C GLN B 68 18.41 -3.45 -36.66
N ASN B 69 17.35 -2.65 -36.55
CA ASN B 69 16.01 -3.18 -36.78
C ASN B 69 15.78 -4.44 -35.96
N ASP B 70 16.11 -4.34 -34.67
CA ASP B 70 15.87 -5.42 -33.70
C ASP B 70 16.55 -6.74 -34.01
N THR B 71 17.66 -6.69 -34.74
CA THR B 71 18.42 -7.91 -35.05
C THR B 71 19.91 -7.64 -34.95
N VAL B 72 20.66 -8.62 -34.47
CA VAL B 72 22.12 -8.53 -34.52
C VAL B 72 22.57 -8.63 -35.97
N ILE B 73 23.31 -7.62 -36.44
CA ILE B 73 23.83 -7.66 -37.84
C ILE B 73 25.33 -7.93 -37.88
N ARG B 74 25.96 -7.95 -36.71
CA ARG B 74 27.36 -8.30 -36.59
C ARG B 74 27.65 -8.82 -35.19
N ASN B 75 28.20 -10.02 -35.07
CA ASN B 75 28.60 -10.57 -33.77
C ASN B 75 30.02 -10.14 -33.42
N PHE B 76 30.35 -10.18 -32.13
CA PHE B 76 31.76 -10.19 -31.75
C PHE B 76 32.45 -11.30 -32.57
N SER B 77 33.70 -11.07 -32.94
CA SER B 77 34.48 -12.05 -33.70
C SER B 77 34.69 -13.33 -32.90
N ASP B 78 34.72 -13.22 -31.57
CA ASP B 78 34.83 -14.37 -30.70
C ASP B 78 33.65 -14.42 -29.74
N ILE B 79 32.72 -15.34 -30.00
CA ILE B 79 31.51 -15.41 -29.20
C ILE B 79 31.53 -16.50 -28.14
N THR B 80 32.66 -17.19 -27.99
CA THR B 80 32.71 -18.34 -27.08
C THR B 80 32.48 -17.98 -25.62
N THR B 81 32.81 -16.75 -25.25
CA THR B 81 32.62 -16.29 -23.87
C THR B 81 31.28 -15.59 -23.67
N ASN B 82 30.50 -15.44 -24.73
CA ASN B 82 29.22 -14.73 -24.64
C ASN B 82 28.14 -15.51 -23.91
N ILE B 83 27.47 -14.85 -22.96
CA ILE B 83 26.29 -15.39 -22.29
C ILE B 83 25.07 -14.76 -22.94
N LEU B 84 25.17 -13.46 -23.21
CA LEU B 84 24.13 -12.72 -23.89
C LEU B 84 24.76 -11.60 -24.72
N GLN B 85 24.31 -11.47 -25.96
CA GLN B 85 24.84 -10.44 -26.84
C GLN B 85 23.75 -10.07 -27.85
N ASP B 86 22.75 -9.34 -27.37
CA ASP B 86 21.55 -9.09 -28.15
C ASP B 86 20.81 -7.89 -27.58
N GLY B 87 19.83 -7.40 -28.32
CA GLY B 87 19.04 -6.28 -27.84
C GLY B 87 17.62 -6.73 -27.53
N LEU B 88 16.89 -5.88 -26.82
CA LEU B 88 15.46 -6.13 -26.63
C LEU B 88 14.74 -4.81 -26.47
N LYS B 89 13.49 -4.77 -26.89
CA LYS B 89 12.70 -3.54 -26.75
C LYS B 89 11.76 -3.66 -25.56
N MET B 90 11.72 -2.62 -24.74
CA MET B 90 10.79 -2.62 -23.61
C MET B 90 9.38 -2.35 -24.11
N ARG B 91 8.39 -2.79 -23.36
CA ARG B 91 6.99 -2.59 -23.76
C ARG B 91 6.37 -1.34 -23.15
N THR B 92 6.80 -0.97 -21.95
CA THR B 92 6.16 0.12 -21.23
C THR B 92 6.73 1.50 -21.56
N VAL B 93 7.93 1.53 -22.12
CA VAL B 93 8.59 2.76 -22.54
C VAL B 93 9.28 2.45 -23.87
N PRO B 94 9.50 3.48 -24.70
CA PRO B 94 10.11 3.34 -26.04
C PRO B 94 11.63 3.23 -25.96
N VAL B 95 12.12 2.18 -25.33
CA VAL B 95 13.53 2.00 -25.04
C VAL B 95 14.00 0.69 -25.63
N THR B 96 15.17 0.71 -26.28
CA THR B 96 15.83 -0.51 -26.67
C THR B 96 17.05 -0.67 -25.77
N LYS B 97 17.25 -1.85 -25.20
CA LYS B 97 18.45 -2.10 -24.41
C LYS B 97 19.36 -3.05 -25.15
N LEU B 98 20.66 -2.76 -25.16
CA LEU B 98 21.63 -3.71 -25.67
C LEU B 98 22.29 -4.41 -24.49
N TYR B 99 22.24 -5.74 -24.48
CA TYR B 99 22.81 -6.53 -23.40
C TYR B 99 24.08 -7.21 -23.85
N THR B 100 25.16 -7.01 -23.11
CA THR B 100 26.39 -7.74 -23.33
C THR B 100 26.82 -8.38 -22.01
N SER B 101 26.66 -9.71 -21.94
CA SER B 101 27.08 -10.45 -20.75
C SER B 101 28.06 -11.52 -21.19
N ARG B 102 29.20 -11.60 -20.52
CA ARG B 102 30.24 -12.54 -20.91
C ARG B 102 30.91 -13.09 -19.67
N MET B 103 31.49 -14.28 -19.81
CA MET B 103 32.39 -14.80 -18.79
C MET B 103 33.58 -13.86 -18.69
N VAL B 104 34.03 -13.60 -17.47
CA VAL B 104 35.16 -12.72 -17.23
C VAL B 104 36.47 -13.53 -17.22
N THR B 105 37.33 -13.23 -18.18
CA THR B 105 38.60 -13.95 -18.33
C THR B 105 39.67 -12.97 -18.77
N ASN B 106 40.90 -13.44 -18.81
CA ASN B 106 42.00 -12.64 -19.34
C ASN B 106 41.76 -12.16 -20.78
N LEU B 107 40.75 -12.70 -21.45
CA LEU B 107 40.47 -12.31 -22.83
C LEU B 107 39.24 -11.42 -22.98
N THR B 108 38.52 -11.20 -21.89
CA THR B 108 37.33 -10.33 -21.98
C THR B 108 37.43 -9.09 -21.08
N VAL B 109 38.52 -8.99 -20.30
CA VAL B 109 38.76 -7.76 -19.53
C VAL B 109 39.08 -6.61 -20.49
N GLY B 110 38.66 -5.41 -20.13
CA GLY B 110 38.87 -4.27 -21.00
C GLY B 110 37.76 -3.25 -20.88
N ARG B 111 37.44 -2.62 -22.01
CA ARG B 111 36.51 -1.47 -22.02
C ARG B 111 35.41 -1.74 -23.02
N TYR B 112 34.15 -1.65 -22.57
CA TYR B 112 32.99 -1.86 -23.43
C TYR B 112 32.28 -0.53 -23.61
N ASP B 113 32.24 -0.04 -24.84
CA ASP B 113 31.67 1.28 -25.15
C ASP B 113 30.38 1.10 -25.94
N CYS B 114 29.26 1.51 -25.37
CA CYS B 114 27.99 1.48 -26.10
C CYS B 114 27.88 2.71 -26.96
N LEU B 115 27.72 2.49 -28.28
CA LEU B 115 27.93 3.51 -29.27
C LEU B 115 26.62 3.99 -29.85
N ARG B 116 26.60 5.27 -30.23
CA ARG B 116 25.48 5.83 -31.01
C ARG B 116 25.98 7.00 -31.83
N CYS B 117 25.39 7.17 -33.00
N CYS B 117 25.49 7.14 -33.06
CA CYS B 117 25.70 8.30 -33.86
CA CYS B 117 25.80 8.34 -33.83
C CYS B 117 24.73 9.44 -33.61
C CYS B 117 24.77 9.42 -33.52
N GLU B 118 25.25 10.64 -33.34
CA GLU B 118 24.39 11.80 -33.16
C GLU B 118 24.97 12.94 -33.99
N ASN B 119 24.14 13.56 -34.82
CA ASN B 119 24.60 14.64 -35.69
C ASN B 119 25.85 14.23 -36.45
N GLY B 120 25.93 12.96 -36.84
CA GLY B 120 27.06 12.50 -37.62
C GLY B 120 28.37 12.39 -36.88
N THR B 121 28.32 12.39 -35.55
CA THR B 121 29.50 12.12 -34.75
C THR B 121 29.28 10.94 -33.80
N THR B 122 30.33 10.18 -33.54
CA THR B 122 30.24 9.03 -32.63
C THR B 122 30.12 9.48 -31.17
N LYS B 123 29.09 8.98 -30.49
CA LYS B 123 28.90 9.22 -29.06
C LYS B 123 29.07 7.91 -28.32
N ILE B 124 29.49 8.00 -27.05
CA ILE B 124 29.49 6.82 -26.20
C ILE B 124 28.49 7.05 -25.11
N ILE B 125 27.39 6.31 -25.13
CA ILE B 125 26.35 6.58 -24.13
C ILE B 125 26.69 5.98 -22.78
N GLU B 126 27.45 4.89 -22.80
CA GLU B 126 27.90 4.26 -21.56
C GLU B 126 29.18 3.50 -21.79
N ARG B 127 30.09 3.59 -20.83
CA ARG B 127 31.36 2.90 -20.91
C ARG B 127 31.51 2.03 -19.67
N LEU B 128 31.83 0.75 -19.87
CA LEU B 128 32.03 -0.15 -18.74
C LEU B 128 33.44 -0.72 -18.83
N TYR B 129 34.21 -0.54 -17.75
CA TYR B 129 35.49 -1.23 -17.63
C TYR B 129 35.27 -2.54 -16.88
N VAL B 130 35.88 -3.61 -17.38
CA VAL B 130 35.77 -4.95 -16.78
C VAL B 130 37.16 -5.43 -16.35
N ARG B 131 37.26 -5.86 -15.10
CA ARG B 131 38.53 -6.31 -14.54
C ARG B 131 38.32 -7.67 -13.90
N LEU B 132 39.40 -8.44 -13.73
CA LEU B 132 39.29 -9.71 -13.02
C LEU B 132 38.94 -9.44 -11.57
N GLY B 133 38.39 -10.44 -10.89
CA GLY B 133 38.13 -10.32 -9.48
C GLY B 133 37.06 -11.28 -8.98
N SER B 134 36.86 -11.28 -7.67
CA SER B 134 35.87 -12.17 -7.06
C SER B 134 34.48 -11.53 -7.09
N LEU B 135 33.53 -12.22 -7.71
CA LEU B 135 32.15 -11.79 -7.70
C LEU B 135 31.63 -11.81 -6.27
N TYR B 136 31.89 -12.90 -5.56
CA TYR B 136 31.52 -13.02 -4.16
C TYR B 136 32.40 -12.12 -3.31
N PRO B 137 31.80 -11.12 -2.66
CA PRO B 137 32.55 -10.18 -1.81
C PRO B 137 33.39 -10.89 -0.75
N GLU C 2 -27.12 19.74 -0.75
CA GLU C 2 -27.47 19.87 0.67
C GLU C 2 -27.44 18.52 1.40
N PRO C 3 -27.93 17.46 0.76
CA PRO C 3 -27.77 16.11 1.34
C PRO C 3 -26.30 15.71 1.38
N HIS C 4 -25.71 15.69 2.57
CA HIS C 4 -24.29 15.39 2.72
C HIS C 4 -24.09 13.98 3.23
N SER C 5 -22.94 13.39 2.90
CA SER C 5 -22.65 12.02 3.32
C SER C 5 -21.18 11.79 3.60
N LEU C 6 -20.92 10.80 4.46
CA LEU C 6 -19.57 10.38 4.79
C LEU C 6 -19.61 8.87 4.65
N ARG C 7 -18.69 8.32 3.87
CA ARG C 7 -18.70 6.89 3.57
C ARG C 7 -17.31 6.30 3.77
N TYR C 8 -17.23 5.25 4.57
CA TYR C 8 -15.99 4.50 4.72
C TYR C 8 -16.08 3.11 4.08
N ASN C 9 -15.00 2.69 3.44
CA ASN C 9 -14.91 1.40 2.80
C ASN C 9 -13.69 0.69 3.37
N LEU C 10 -13.93 -0.37 4.15
CA LEU C 10 -12.85 -1.18 4.72
C LEU C 10 -12.91 -2.61 4.21
N MET C 11 -11.73 -3.23 4.07
CA MET C 11 -11.65 -4.62 3.65
C MET C 11 -10.53 -5.34 4.39
N VAL C 12 -10.80 -6.58 4.79
CA VAL C 12 -9.76 -7.43 5.35
C VAL C 12 -9.69 -8.71 4.51
N LEU C 13 -8.55 -9.40 4.60
CA LEU C 13 -8.31 -10.54 3.72
C LEU C 13 -7.92 -11.76 4.52
N SER C 14 -8.34 -12.93 4.02
CA SER C 14 -7.98 -14.18 4.65
C SER C 14 -7.51 -15.16 3.61
N GLN C 15 -6.57 -16.02 3.99
CA GLN C 15 -6.11 -17.08 3.11
C GLN C 15 -5.57 -18.25 3.91
N ASP C 16 -5.88 -19.47 3.45
CA ASP C 16 -5.44 -20.68 4.13
C ASP C 16 -5.72 -20.64 5.63
N GLU C 17 -6.86 -20.07 6.01
CA GLU C 17 -7.30 -20.08 7.39
C GLU C 17 -6.70 -18.99 8.27
N SER C 18 -5.93 -18.09 7.67
CA SER C 18 -5.29 -17.02 8.44
C SER C 18 -5.62 -15.64 7.88
N VAL C 19 -6.20 -14.79 8.72
CA VAL C 19 -6.52 -13.43 8.34
C VAL C 19 -5.25 -12.60 8.25
N GLN C 20 -5.05 -11.94 7.12
CA GLN C 20 -3.88 -11.08 6.95
C GLN C 20 -3.91 -9.97 7.99
N SER C 21 -2.72 -9.62 8.48
CA SER C 21 -2.61 -8.51 9.42
C SER C 21 -3.00 -7.23 8.70
N GLY C 22 -3.45 -6.24 9.48
CA GLY C 22 -3.81 -4.96 8.89
C GLY C 22 -5.08 -5.02 8.08
N PHE C 23 -5.32 -3.98 7.28
CA PHE C 23 -6.55 -3.86 6.54
C PHE C 23 -6.40 -2.79 5.47
N LEU C 24 -7.38 -2.73 4.57
CA LEU C 24 -7.44 -1.71 3.54
C LEU C 24 -8.57 -0.75 3.88
N ALA C 25 -8.38 0.54 3.64
CA ALA C 25 -9.45 1.50 3.93
C ALA C 25 -9.36 2.78 3.09
N GLU C 26 -10.53 3.35 2.83
CA GLU C 26 -10.63 4.64 2.17
C GLU C 26 -11.91 5.32 2.66
N GLY C 27 -11.97 6.64 2.52
CA GLY C 27 -13.15 7.38 2.91
C GLY C 27 -13.54 8.41 1.86
N HIS C 28 -14.84 8.63 1.70
CA HIS C 28 -15.36 9.57 0.73
C HIS C 28 -16.27 10.58 1.44
N LEU C 29 -16.13 11.86 1.10
CA LEU C 29 -16.98 12.91 1.66
C LEU C 29 -17.80 13.52 0.52
N ASP C 30 -19.13 13.44 0.64
CA ASP C 30 -20.01 13.83 -0.46
C ASP C 30 -19.59 13.21 -1.80
N GLY C 31 -19.15 11.94 -1.74
CA GLY C 31 -18.80 11.18 -2.92
C GLY C 31 -17.41 11.44 -3.49
N GLN C 32 -16.65 12.34 -2.85
CA GLN C 32 -15.30 12.66 -3.26
C GLN C 32 -14.29 11.98 -2.33
N PRO C 33 -13.24 11.37 -2.89
CA PRO C 33 -12.28 10.73 -1.99
C PRO C 33 -11.63 11.80 -1.10
N PHE C 34 -11.47 11.51 0.18
CA PHE C 34 -10.80 12.48 1.07
C PHE C 34 -9.78 11.80 1.97
N LEU C 35 -9.91 10.48 2.10
CA LEU C 35 -9.11 9.71 3.04
C LEU C 35 -8.54 8.46 2.39
N ARG C 36 -7.23 8.27 2.54
CA ARG C 36 -6.59 7.01 2.18
C ARG C 36 -5.92 6.43 3.42
N TYR C 37 -5.68 5.13 3.40
CA TYR C 37 -5.04 4.50 4.55
C TYR C 37 -3.78 3.82 4.08
N ASP C 38 -2.66 4.27 4.65
CA ASP C 38 -1.34 3.74 4.32
C ASP C 38 -1.07 2.53 5.19
N ARG C 39 -1.15 1.35 4.58
CA ARG C 39 -0.89 0.10 5.31
C ARG C 39 0.54 0.02 5.83
N GLN C 40 1.48 0.53 5.04
CA GLN C 40 2.90 0.47 5.41
C GLN C 40 3.20 1.27 6.68
N LYS C 41 2.58 2.45 6.80
CA LYS C 41 2.84 3.31 7.94
C LYS C 41 1.76 3.15 9.01
N ARG C 42 0.71 2.40 8.68
CA ARG C 42 -0.48 2.30 9.54
C ARG C 42 -1.06 3.68 9.88
N ARG C 43 -1.24 4.52 8.87
CA ARG C 43 -1.78 5.86 9.11
C ARG C 43 -2.84 6.23 8.09
N ALA C 44 -3.94 6.83 8.57
CA ALA C 44 -4.85 7.53 7.69
C ALA C 44 -4.14 8.78 7.15
N LYS C 45 -4.35 9.08 5.86
CA LYS C 45 -3.75 10.25 5.24
C LYS C 45 -4.75 10.95 4.34
N PRO C 46 -4.54 12.26 4.09
CA PRO C 46 -5.46 12.97 3.19
C PRO C 46 -5.30 12.45 1.77
N GLN C 47 -6.40 12.43 1.03
CA GLN C 47 -6.38 12.14 -0.40
C GLN C 47 -6.97 13.35 -1.11
N GLY C 48 -6.17 13.98 -1.97
CA GLY C 48 -6.60 15.15 -2.70
C GLY C 48 -6.17 16.45 -2.05
N GLN C 49 -6.13 17.53 -2.82
CA GLN C 49 -5.64 18.81 -2.33
C GLN C 49 -6.53 19.43 -1.26
N TRP C 50 -7.84 19.23 -1.37
CA TRP C 50 -8.77 19.79 -0.38
C TRP C 50 -8.53 19.16 1.00
N ALA C 51 -8.44 17.84 1.04
CA ALA C 51 -8.17 17.14 2.30
C ALA C 51 -6.82 17.55 2.87
N GLU C 52 -5.84 17.76 1.99
CA GLU C 52 -4.51 18.15 2.45
C GLU C 52 -4.48 19.57 3.02
N ASP C 53 -5.22 20.49 2.40
CA ASP C 53 -5.09 21.91 2.71
C ASP C 53 -6.19 22.52 3.59
N VAL C 54 -7.40 21.98 3.51
CA VAL C 54 -8.53 22.56 4.23
C VAL C 54 -8.78 21.87 5.57
N LEU C 55 -8.80 20.55 5.56
CA LEU C 55 -9.03 19.81 6.80
C LEU C 55 -7.86 19.96 7.74
N GLY C 56 -8.13 20.08 9.04
CA GLY C 56 -7.07 20.19 10.00
C GLY C 56 -6.33 18.87 10.11
N ALA C 57 -5.04 18.92 10.43
CA ALA C 57 -4.23 17.72 10.44
C ALA C 57 -4.60 16.78 11.57
N GLU C 58 -5.32 17.30 12.57
CA GLU C 58 -5.82 16.44 13.65
C GLU C 58 -6.77 15.38 13.10
N THR C 59 -7.36 15.66 11.94
CA THR C 59 -8.24 14.71 11.27
C THR C 59 -7.62 13.31 11.16
N TRP C 60 -6.34 13.26 10.80
CA TRP C 60 -5.69 11.98 10.50
C TRP C 60 -5.30 11.23 11.77
N ASP C 61 -5.13 11.96 12.89
CA ASP C 61 -4.88 11.32 14.19
C ASP C 61 -6.14 10.56 14.63
N THR C 62 -7.28 11.24 14.53
CA THR C 62 -8.57 10.67 14.90
C THR C 62 -8.95 9.51 13.97
N GLU C 63 -8.78 9.72 12.67
CA GLU C 63 -9.15 8.68 11.69
C GLU C 63 -8.23 7.45 11.84
N THR C 64 -6.97 7.67 12.17
CA THR C 64 -6.07 6.53 12.33
C THR C 64 -6.55 5.67 13.50
N GLU C 65 -6.91 6.30 14.61
CA GLU C 65 -7.39 5.55 15.75
C GLU C 65 -8.72 4.86 15.47
N ASP C 66 -9.66 5.58 14.86
CA ASP C 66 -10.97 5.02 14.53
C ASP C 66 -10.89 3.87 13.51
N LEU C 67 -10.10 4.05 12.45
CA LEU C 67 -9.95 2.99 11.45
C LEU C 67 -9.28 1.76 12.07
N THR C 68 -8.30 1.99 12.92
CA THR C 68 -7.61 0.88 13.60
C THR C 68 -8.59 0.03 14.43
N GLU C 69 -9.46 0.71 15.18
CA GLU C 69 -10.49 0.03 15.98
C GLU C 69 -11.44 -0.77 15.07
N ASN C 70 -11.96 -0.10 14.05
CA ASN C 70 -12.86 -0.71 13.06
C ASN C 70 -12.21 -1.85 12.29
N GLY C 71 -10.99 -1.62 11.80
CA GLY C 71 -10.27 -2.63 11.06
C GLY C 71 -10.03 -3.90 11.87
N GLN C 72 -9.63 -3.73 13.13
CA GLN C 72 -9.38 -4.90 13.96
C GLN C 72 -10.66 -5.69 14.23
N ASP C 73 -11.77 -4.98 14.43
CA ASP C 73 -13.08 -5.63 14.55
C ASP C 73 -13.42 -6.45 13.31
N LEU C 74 -13.13 -5.89 12.14
CA LEU C 74 -13.44 -6.57 10.88
C LEU C 74 -12.58 -7.83 10.69
N ARG C 75 -11.32 -7.74 11.11
CA ARG C 75 -10.43 -8.89 11.05
C ARG C 75 -10.96 -10.00 11.96
N ARG C 76 -11.34 -9.64 13.18
CA ARG C 76 -11.89 -10.62 14.12
C ARG C 76 -13.14 -11.26 13.58
N THR C 77 -13.96 -10.49 12.87
CA THR C 77 -15.16 -11.02 12.26
C THR C 77 -14.84 -12.04 11.17
N LEU C 78 -13.88 -11.71 10.31
CA LEU C 78 -13.48 -12.62 9.24
C LEU C 78 -12.90 -13.91 9.81
N THR C 79 -12.13 -13.79 10.88
CA THR C 79 -11.51 -14.96 11.53
C THR C 79 -12.55 -16.03 11.82
N HIS C 80 -13.74 -15.61 12.22
CA HIS C 80 -14.81 -16.53 12.54
C HIS C 80 -15.78 -16.70 11.37
N ILE C 81 -15.25 -17.12 10.23
CA ILE C 81 -16.07 -17.39 9.05
C ILE C 81 -15.56 -18.62 8.31
N LEU C 88 -8.15 -17.23 -1.20
CA LEU C 88 -8.13 -15.82 -0.80
C LEU C 88 -9.54 -15.23 -0.74
N HIS C 89 -10.00 -14.98 0.48
CA HIS C 89 -11.37 -14.51 0.69
C HIS C 89 -11.35 -13.09 1.25
N SER C 90 -12.42 -12.34 0.97
CA SER C 90 -12.47 -10.95 1.38
C SER C 90 -13.74 -10.66 2.17
N LEU C 91 -13.60 -9.79 3.17
CA LEU C 91 -14.74 -9.30 3.91
C LEU C 91 -14.63 -7.79 3.84
N GLN C 92 -15.69 -7.15 3.34
CA GLN C 92 -15.68 -5.70 3.14
C GLN C 92 -16.86 -5.09 3.87
N GLU C 93 -16.60 -3.97 4.56
CA GLU C 93 -17.67 -3.25 5.24
C GLU C 93 -17.77 -1.85 4.67
N ILE C 94 -18.95 -1.49 4.19
CA ILE C 94 -19.21 -0.13 3.75
C ILE C 94 -20.08 0.55 4.81
N ARG C 95 -19.60 1.66 5.37
CA ARG C 95 -20.33 2.34 6.42
C ARG C 95 -20.65 3.76 5.94
N VAL C 96 -21.90 4.19 6.09
CA VAL C 96 -22.30 5.50 5.60
C VAL C 96 -23.18 6.23 6.60
N CYS C 97 -22.96 7.53 6.76
CA CYS C 97 -23.95 8.39 7.42
C CYS C 97 -24.29 9.57 6.54
N GLU C 98 -25.50 10.08 6.70
CA GLU C 98 -26.01 11.16 5.88
C GLU C 98 -26.72 12.20 6.72
N ILE C 99 -26.61 13.45 6.29
CA ILE C 99 -27.43 14.53 6.81
C ILE C 99 -28.24 15.07 5.64
N HIS C 100 -29.57 15.06 5.77
CA HIS C 100 -30.45 15.46 4.67
C HIS C 100 -30.83 16.94 4.74
N GLU C 101 -31.41 17.45 3.66
CA GLU C 101 -31.73 18.87 3.57
C GLU C 101 -32.67 19.32 4.68
N ASP C 102 -33.54 18.43 5.12
CA ASP C 102 -34.46 18.73 6.23
C ASP C 102 -33.79 18.51 7.59
N SER C 103 -32.50 18.26 7.58
CA SER C 103 -31.69 18.08 8.80
C SER C 103 -31.81 16.70 9.45
N SER C 104 -32.66 15.85 8.90
CA SER C 104 -32.75 14.48 9.38
C SER C 104 -31.48 13.73 9.00
N THR C 105 -31.20 12.66 9.73
CA THR C 105 -29.98 11.89 9.49
C THR C 105 -30.33 10.44 9.14
N ARG C 106 -29.39 9.76 8.48
CA ARG C 106 -29.50 8.33 8.21
C ARG C 106 -28.13 7.69 8.41
N GLY C 107 -28.11 6.38 8.58
CA GLY C 107 -26.85 5.67 8.73
C GLY C 107 -27.03 4.17 8.56
N SER C 108 -26.05 3.54 7.94
CA SER C 108 -26.12 2.10 7.71
C SER C 108 -24.75 1.51 7.47
N ARG C 109 -24.67 0.18 7.53
CA ARG C 109 -23.47 -0.50 7.10
C ARG C 109 -23.84 -1.74 6.33
N HIS C 110 -22.95 -2.13 5.42
CA HIS C 110 -23.22 -3.23 4.51
C HIS C 110 -21.99 -4.10 4.43
N PHE C 111 -22.21 -5.41 4.46
CA PHE C 111 -21.13 -6.38 4.47
C PHE C 111 -21.14 -7.23 3.21
N TYR C 112 -19.97 -7.39 2.63
CA TYR C 112 -19.80 -8.18 1.42
C TYR C 112 -18.72 -9.23 1.66
N TYR C 113 -19.03 -10.48 1.31
CA TYR C 113 -18.08 -11.56 1.45
C TYR C 113 -17.75 -12.05 0.05
N ASN C 114 -16.47 -11.94 -0.32
CA ASN C 114 -16.05 -12.23 -1.68
C ASN C 114 -16.89 -11.46 -2.70
N GLY C 115 -17.16 -10.19 -2.38
CA GLY C 115 -17.84 -9.30 -3.31
C GLY C 115 -19.36 -9.39 -3.29
N GLU C 116 -19.90 -10.31 -2.53
CA GLU C 116 -21.35 -10.50 -2.47
C GLU C 116 -21.96 -10.04 -1.15
N LEU C 117 -22.94 -9.14 -1.25
CA LEU C 117 -23.65 -8.63 -0.08
C LEU C 117 -24.36 -9.73 0.68
N PHE C 118 -24.20 -9.76 2.01
CA PHE C 118 -24.93 -10.76 2.80
C PHE C 118 -25.65 -10.14 3.99
N LEU C 119 -25.35 -8.88 4.30
CA LEU C 119 -25.97 -8.24 5.45
C LEU C 119 -26.00 -6.72 5.35
N SER C 120 -27.16 -6.14 5.62
CA SER C 120 -27.30 -4.69 5.76
C SER C 120 -27.94 -4.34 7.09
N GLN C 121 -27.43 -3.30 7.74
CA GLN C 121 -27.93 -2.86 9.03
C GLN C 121 -28.20 -1.37 9.01
N ASN C 122 -29.37 -0.97 9.53
CA ASN C 122 -29.72 0.43 9.71
C ASN C 122 -29.24 0.89 11.08
N LEU C 123 -28.23 1.75 11.11
CA LEU C 123 -27.59 2.09 12.38
C LEU C 123 -28.49 2.90 13.31
N GLU C 124 -29.54 3.49 12.76
CA GLU C 124 -30.43 4.34 13.55
C GLU C 124 -31.59 3.56 14.16
N THR C 125 -32.02 2.50 13.48
CA THR C 125 -33.16 1.71 13.93
C THR C 125 -32.74 0.31 14.38
N GLN C 126 -31.48 -0.03 14.11
N GLN C 126 -31.48 -0.04 14.08
CA GLN C 126 -30.94 -1.35 14.44
CA GLN C 126 -30.93 -1.35 14.42
C GLN C 126 -31.65 -2.47 13.69
C GLN C 126 -31.45 -2.46 13.52
N GLU C 127 -32.36 -2.12 12.62
CA GLU C 127 -33.00 -3.11 11.75
C GLU C 127 -32.00 -3.72 10.79
N SER C 128 -31.97 -5.05 10.72
CA SER C 128 -31.06 -5.78 9.84
C SER C 128 -31.80 -6.39 8.66
N THR C 129 -31.14 -6.43 7.52
CA THR C 129 -31.73 -6.99 6.30
C THR C 129 -30.76 -7.95 5.62
N VAL C 130 -31.23 -9.16 5.32
CA VAL C 130 -30.39 -10.18 4.72
C VAL C 130 -30.97 -10.66 3.41
N PRO C 131 -30.13 -10.78 2.36
CA PRO C 131 -30.56 -11.30 1.07
C PRO C 131 -31.25 -12.66 1.21
N GLN C 132 -32.32 -12.88 0.46
CA GLN C 132 -33.04 -14.15 0.50
C GLN C 132 -32.24 -15.23 -0.21
N SER C 133 -31.31 -15.84 0.53
CA SER C 133 -30.41 -16.84 -0.03
C SER C 133 -29.73 -17.60 1.10
N SER C 134 -29.71 -18.92 1.00
CA SER C 134 -29.12 -19.75 2.05
C SER C 134 -27.71 -19.32 2.44
N ARG C 135 -26.87 -19.03 1.45
CA ARG C 135 -25.49 -18.64 1.73
C ARG C 135 -25.43 -17.33 2.51
N ALA C 136 -26.16 -16.32 2.04
CA ALA C 136 -26.21 -15.03 2.72
C ALA C 136 -26.76 -15.22 4.13
N GLN C 137 -27.83 -15.99 4.24
CA GLN C 137 -28.45 -16.25 5.54
C GLN C 137 -27.43 -16.86 6.50
N THR C 138 -26.62 -17.78 5.98
CA THR C 138 -25.63 -18.48 6.80
C THR C 138 -24.57 -17.52 7.31
N LEU C 139 -24.10 -16.64 6.43
CA LEU C 139 -23.07 -15.68 6.76
C LEU C 139 -23.57 -14.65 7.75
N ALA C 140 -24.78 -14.16 7.52
CA ALA C 140 -25.36 -13.15 8.41
C ALA C 140 -25.60 -13.75 9.79
N MET C 141 -26.04 -15.00 9.83
CA MET C 141 -26.26 -15.67 11.11
C MET C 141 -24.92 -15.87 11.83
N ASN C 142 -23.94 -16.42 11.11
CA ASN C 142 -22.62 -16.67 11.66
C ASN C 142 -21.98 -15.43 12.31
N VAL C 143 -21.78 -14.37 11.54
CA VAL C 143 -21.08 -13.20 12.05
C VAL C 143 -21.79 -12.60 13.25
N THR C 144 -23.11 -12.74 13.30
CA THR C 144 -23.88 -12.14 14.39
C THR C 144 -23.84 -13.04 15.62
N ASN C 145 -23.61 -14.33 15.40
CA ASN C 145 -23.40 -15.25 16.50
C ASN C 145 -22.06 -14.97 17.17
N PHE C 146 -21.00 -14.83 16.37
CA PHE C 146 -19.69 -14.49 16.91
C PHE C 146 -19.71 -13.14 17.63
N TRP C 147 -20.40 -12.15 17.07
CA TRP C 147 -20.63 -10.91 17.79
C TRP C 147 -21.47 -11.25 19.02
N LYS C 148 -21.30 -10.46 20.07
CA LYS C 148 -21.94 -10.80 21.35
C LYS C 148 -21.32 -12.05 21.95
N ALA C 151 -23.75 -8.06 23.90
CA ALA C 151 -24.64 -8.38 25.01
C ALA C 151 -25.52 -7.18 25.39
N MET C 152 -25.19 -6.53 26.50
CA MET C 152 -25.96 -5.39 26.97
C MET C 152 -25.54 -4.09 26.31
N LYS C 153 -24.65 -4.19 25.34
CA LYS C 153 -24.16 -3.02 24.63
C LYS C 153 -24.38 -3.14 23.13
N THR C 154 -25.21 -4.08 22.69
CA THR C 154 -25.43 -4.20 21.25
C THR C 154 -26.00 -2.91 20.66
N LYS C 155 -27.08 -2.41 21.25
CA LYS C 155 -27.71 -1.18 20.75
C LYS C 155 -26.77 0.01 20.89
N THR C 156 -26.10 0.11 22.03
CA THR C 156 -25.12 1.17 22.20
C THR C 156 -24.01 1.12 21.15
N HIS C 157 -23.55 -0.08 20.82
N HIS C 157 -23.54 -0.08 20.85
CA HIS C 157 -22.47 -0.22 19.85
CA HIS C 157 -22.49 -0.26 19.84
C HIS C 157 -22.87 0.33 18.47
C HIS C 157 -22.90 0.37 18.51
N TYR C 158 -24.07 0.00 18.02
CA TYR C 158 -24.56 0.45 16.72
C TYR C 158 -24.79 1.95 16.73
N ARG C 159 -25.42 2.45 17.79
CA ARG C 159 -25.67 3.89 17.85
C ARG C 159 -24.39 4.70 18.00
N ALA C 160 -23.37 4.14 18.66
CA ALA C 160 -22.11 4.86 18.84
C ALA C 160 -21.39 5.04 17.51
N MET C 161 -21.49 4.01 16.65
CA MET C 161 -20.88 4.07 15.32
C MET C 161 -21.53 5.20 14.54
N GLN C 162 -22.84 5.33 14.64
CA GLN C 162 -23.56 6.40 13.93
C GLN C 162 -23.19 7.76 14.50
N ALA C 163 -23.11 7.85 15.82
CA ALA C 163 -22.74 9.13 16.44
C ALA C 163 -21.35 9.55 15.98
N ASP C 164 -20.41 8.60 15.97
CA ASP C 164 -19.04 8.86 15.55
C ASP C 164 -19.02 9.49 14.16
N CYS C 165 -19.71 8.83 13.24
CA CYS C 165 -19.78 9.23 11.83
C CYS C 165 -20.42 10.61 11.67
N LEU C 166 -21.55 10.82 12.32
CA LEU C 166 -22.22 12.11 12.21
C LEU C 166 -21.38 13.25 12.76
N GLN C 167 -20.69 13.01 13.87
CA GLN C 167 -19.87 14.08 14.44
C GLN C 167 -18.73 14.44 13.49
N LYS C 168 -18.09 13.44 12.91
CA LYS C 168 -17.04 13.71 11.93
C LYS C 168 -17.60 14.42 10.71
N LEU C 169 -18.74 13.97 10.20
CA LEU C 169 -19.32 14.59 9.00
C LEU C 169 -19.59 16.09 9.24
N GLN C 170 -20.20 16.42 10.36
N GLN C 170 -20.22 16.41 10.37
CA GLN C 170 -20.49 17.82 10.66
CA GLN C 170 -20.50 17.80 10.71
C GLN C 170 -19.20 18.63 10.75
C GLN C 170 -19.20 18.61 10.73
N ARG C 171 -18.18 18.06 11.38
CA ARG C 171 -16.89 18.74 11.51
C ARG C 171 -16.19 18.97 10.16
N TYR C 172 -16.22 17.97 9.30
CA TYR C 172 -15.62 18.09 7.96
C TYR C 172 -16.37 19.11 7.10
N LEU C 173 -17.68 19.21 7.30
CA LEU C 173 -18.48 20.14 6.51
C LEU C 173 -18.26 21.58 6.96
N LYS C 174 -17.95 21.74 8.24
CA LYS C 174 -17.72 23.05 8.82
C LYS C 174 -16.37 23.59 8.35
N SER C 175 -15.42 22.68 8.15
CA SER C 175 -14.08 23.06 7.70
C SER C 175 -14.10 23.78 6.36
N GLY C 176 -14.77 23.18 5.37
CA GLY C 176 -14.83 23.74 4.04
C GLY C 176 -16.13 24.49 3.79
N VAL D 1 -23.66 14.19 45.29
CA VAL D 1 -23.11 13.31 44.28
C VAL D 1 -21.58 13.28 44.35
N ASP D 2 -21.01 12.09 44.42
CA ASP D 2 -19.56 11.97 44.44
C ASP D 2 -19.10 11.43 43.09
N LEU D 3 -17.96 11.93 42.62
CA LEU D 3 -17.35 11.39 41.41
C LEU D 3 -16.03 10.78 41.83
N GLY D 4 -15.37 10.11 40.91
CA GLY D 4 -14.03 9.62 41.19
C GLY D 4 -13.99 8.17 41.63
N SER D 5 -12.87 7.79 42.21
CA SER D 5 -12.58 6.40 42.56
C SER D 5 -12.08 6.24 43.99
N LYS D 6 -12.82 5.50 44.81
CA LYS D 6 -12.37 5.22 46.17
C LYS D 6 -11.01 4.51 46.19
N SER D 7 -10.86 3.49 45.36
CA SER D 7 -9.64 2.69 45.35
C SER D 7 -8.40 3.50 44.94
N SER D 8 -8.61 4.59 44.20
CA SER D 8 -7.52 5.47 43.82
C SER D 8 -7.33 6.61 44.81
N ASN D 9 -8.10 6.57 45.89
CA ASN D 9 -8.09 7.65 46.88
C ASN D 9 -8.36 9.00 46.22
N SER D 10 -9.17 8.99 45.17
CA SER D 10 -9.46 10.20 44.43
C SER D 10 -10.95 10.35 44.20
N THR D 11 -11.65 10.90 45.18
CA THR D 11 -13.07 11.17 45.01
C THR D 11 -13.32 12.65 45.22
N CYS D 12 -14.38 13.17 44.63
N CYS D 12 -14.39 13.14 44.61
CA CYS D 12 -14.67 14.59 44.83
CA CYS D 12 -14.73 14.54 44.75
C CYS D 12 -16.13 15.01 44.63
C CYS D 12 -16.24 14.70 44.85
N ARG D 13 -16.66 15.67 45.65
CA ARG D 13 -18.08 16.01 45.74
C ARG D 13 -18.44 17.02 44.66
N LEU D 14 -19.35 16.63 43.79
CA LEU D 14 -19.77 17.51 42.70
C LEU D 14 -20.51 18.72 43.23
N ASN D 15 -20.13 19.90 42.77
CA ASN D 15 -20.86 21.14 43.05
C ASN D 15 -21.15 21.83 41.73
N VAL D 16 -22.39 21.71 41.23
CA VAL D 16 -22.68 22.16 39.88
C VAL D 16 -22.48 23.66 39.68
N THR D 17 -22.53 24.41 40.77
CA THR D 17 -22.38 25.86 40.72
C THR D 17 -20.95 26.24 40.35
N GLU D 18 -20.01 25.34 40.60
CA GLU D 18 -18.61 25.62 40.33
C GLU D 18 -18.21 25.26 38.90
N LEU D 19 -19.06 24.51 38.21
CA LEU D 19 -18.69 24.04 36.86
C LEU D 19 -18.37 25.16 35.87
N ALA D 20 -19.18 26.22 35.86
CA ALA D 20 -18.98 27.26 34.85
C ALA D 20 -17.57 27.86 34.83
N SER D 21 -16.94 27.99 36.00
CA SER D 21 -15.64 28.62 36.10
C SER D 21 -14.45 27.69 35.94
N ILE D 22 -14.71 26.39 35.80
CA ILE D 22 -13.62 25.43 35.59
C ILE D 22 -13.14 25.54 34.14
N HIS D 23 -11.82 25.56 33.93
CA HIS D 23 -11.25 25.59 32.58
C HIS D 23 -11.27 24.20 31.96
N PRO D 24 -12.03 24.01 30.88
CA PRO D 24 -12.14 22.66 30.29
C PRO D 24 -10.91 22.30 29.46
N GLY D 25 -10.64 21.00 29.35
CA GLY D 25 -9.53 20.53 28.53
C GLY D 25 -9.69 20.92 27.08
N GLU D 26 -10.94 20.96 26.63
CA GLU D 26 -11.26 21.32 25.24
C GLU D 26 -12.68 21.87 25.26
N THR D 27 -12.95 22.88 24.43
N THR D 27 -12.93 22.88 24.43
CA THR D 27 -14.29 23.48 24.42
CA THR D 27 -14.26 23.48 24.37
C THR D 27 -14.71 23.89 23.01
C THR D 27 -14.66 23.69 22.92
N TRP D 28 -15.95 23.58 22.64
CA TRP D 28 -16.43 23.90 21.31
C TRP D 28 -17.95 23.97 21.22
N THR D 29 -18.46 24.40 20.07
CA THR D 29 -19.89 24.63 19.91
C THR D 29 -20.41 23.90 18.67
N LEU D 30 -21.60 23.33 18.79
CA LEU D 30 -22.30 22.79 17.63
C LEU D 30 -23.60 23.54 17.43
N HIS D 31 -23.96 23.84 16.19
CA HIS D 31 -25.25 24.42 15.87
C HIS D 31 -26.12 23.38 15.18
N GLY D 32 -27.23 23.01 15.80
CA GLY D 32 -28.19 22.10 15.19
C GLY D 32 -27.87 20.62 15.38
N MET D 33 -26.87 20.32 16.21
CA MET D 33 -26.50 18.94 16.51
C MET D 33 -26.10 18.87 17.97
N CYS D 34 -26.41 17.74 18.61
CA CYS D 34 -25.99 17.52 19.98
C CYS D 34 -25.37 16.14 20.02
N ILE D 35 -24.10 16.05 19.67
CA ILE D 35 -23.37 14.79 19.81
C ILE D 35 -22.09 15.08 20.55
N SER D 36 -22.02 14.59 21.77
CA SER D 36 -20.84 14.74 22.61
C SER D 36 -20.20 13.36 22.79
N ILE D 37 -18.90 13.25 22.52
CA ILE D 37 -18.22 11.96 22.70
C ILE D 37 -16.94 12.20 23.51
N CYS D 38 -16.96 11.85 24.78
N CYS D 38 -17.03 11.96 24.81
CA CYS D 38 -15.85 12.18 25.64
CA CYS D 38 -15.92 12.19 25.74
C CYS D 38 -14.93 11.03 25.92
C CYS D 38 -14.92 11.04 25.62
N TYR D 39 -13.64 11.32 25.87
CA TYR D 39 -12.61 10.32 25.75
C TYR D 39 -11.88 10.16 27.09
N TYR D 40 -12.01 9.00 27.74
CA TYR D 40 -11.40 8.79 29.05
C TYR D 40 -10.38 7.66 29.01
N GLU D 41 -9.12 7.96 29.28
CA GLU D 41 -8.12 6.91 29.37
C GLU D 41 -8.02 6.32 30.77
N ASN D 42 -7.77 5.00 30.82
N ASN D 42 -7.73 5.01 30.87
CA ASN D 42 -7.48 4.28 32.06
CA ASN D 42 -7.43 4.40 32.16
C ASN D 42 -8.51 4.46 33.16
C ASN D 42 -8.55 4.58 33.19
N VAL D 43 -9.78 4.25 32.81
CA VAL D 43 -10.88 4.33 33.77
C VAL D 43 -10.83 3.09 34.67
N THR D 44 -10.85 3.27 35.98
CA THR D 44 -10.79 2.11 36.86
C THR D 44 -12.18 1.57 37.17
N GLU D 45 -12.24 0.32 37.64
CA GLU D 45 -13.52 -0.35 37.84
C GLU D 45 -14.50 0.47 38.67
N ASP D 46 -14.02 1.07 39.75
CA ASP D 46 -14.95 1.80 40.63
C ASP D 46 -15.05 3.30 40.35
N GLU D 47 -14.40 3.77 39.28
CA GLU D 47 -14.40 5.19 39.00
C GLU D 47 -15.75 5.68 38.44
N ILE D 48 -16.32 6.67 39.11
CA ILE D 48 -17.53 7.31 38.63
C ILE D 48 -17.17 8.50 37.76
N ILE D 49 -17.68 8.50 36.52
CA ILE D 49 -17.50 9.62 35.61
C ILE D 49 -18.88 10.00 35.09
N GLY D 50 -18.98 11.07 34.31
CA GLY D 50 -20.29 11.42 33.80
C GLY D 50 -20.33 12.76 33.09
N VAL D 51 -21.55 13.20 32.78
CA VAL D 51 -21.79 14.37 31.97
C VAL D 51 -22.84 15.26 32.62
N ALA D 52 -22.49 16.54 32.82
CA ALA D 52 -23.45 17.51 33.34
C ALA D 52 -24.01 18.34 32.20
N PHE D 53 -25.30 18.67 32.29
CA PHE D 53 -25.95 19.47 31.28
C PHE D 53 -26.53 20.70 31.97
N THR D 54 -26.13 21.88 31.50
CA THR D 54 -26.70 23.12 32.04
C THR D 54 -27.53 23.77 30.93
N TRP D 55 -28.81 24.03 31.20
CA TRP D 55 -29.70 24.58 30.17
C TRP D 55 -29.29 25.99 29.73
N GLN D 56 -29.33 26.25 28.42
CA GLN D 56 -28.96 27.56 27.91
C GLN D 56 -29.76 28.68 28.58
N HIS D 57 -31.02 28.40 28.89
CA HIS D 57 -31.94 29.48 29.24
C HIS D 57 -32.08 29.72 30.75
N ASN D 58 -31.41 28.89 31.53
CA ASN D 58 -31.36 29.06 32.97
C ASN D 58 -30.23 28.25 33.54
N GLU D 59 -29.16 28.92 33.92
CA GLU D 59 -27.93 28.27 34.39
C GLU D 59 -28.17 27.47 35.66
N SER D 60 -29.28 27.74 36.34
CA SER D 60 -29.56 27.04 37.58
C SER D 60 -30.23 25.69 37.32
N VAL D 61 -30.59 25.44 36.06
CA VAL D 61 -31.27 24.20 35.69
C VAL D 61 -30.25 23.24 35.11
N VAL D 62 -29.89 22.21 35.86
CA VAL D 62 -28.80 21.32 35.50
C VAL D 62 -29.25 19.87 35.57
N ASP D 63 -28.77 19.03 34.66
CA ASP D 63 -29.10 17.62 34.72
C ASP D 63 -27.76 16.89 34.71
N LEU D 64 -27.77 15.59 35.01
CA LEU D 64 -26.54 14.84 35.15
C LEU D 64 -26.80 13.39 34.80
N TRP D 65 -25.88 12.77 34.05
CA TRP D 65 -25.86 11.30 33.98
C TRP D 65 -24.49 10.81 34.38
N LEU D 66 -24.46 9.61 35.00
CA LEU D 66 -23.25 9.06 35.58
C LEU D 66 -23.01 7.63 35.13
N TYR D 67 -21.75 7.25 35.13
CA TYR D 67 -21.32 5.94 34.61
C TYR D 67 -20.26 5.36 35.55
N GLN D 68 -20.34 4.06 35.78
CA GLN D 68 -19.36 3.39 36.65
C GLN D 68 -19.31 1.92 36.33
N ASN D 69 -18.11 1.37 36.21
CA ASN D 69 -17.93 -0.06 35.91
C ASN D 69 -18.75 -0.49 34.70
N ASP D 70 -18.62 0.27 33.63
CA ASP D 70 -19.19 -0.05 32.32
C ASP D 70 -20.71 -0.09 32.28
N THR D 71 -21.34 0.64 33.19
CA THR D 71 -22.79 0.79 33.12
C THR D 71 -23.25 2.16 33.62
N VAL D 72 -24.39 2.62 33.11
CA VAL D 72 -25.00 3.84 33.61
C VAL D 72 -25.52 3.62 35.05
N ILE D 73 -25.13 4.49 35.98
CA ILE D 73 -25.66 4.42 37.34
C ILE D 73 -26.59 5.58 37.70
N ARG D 74 -26.75 6.52 36.77
CA ARG D 74 -27.73 7.58 36.89
C ARG D 74 -28.07 8.12 35.50
N ASN D 75 -29.33 8.00 35.09
CA ASN D 75 -29.78 8.61 33.84
C ASN D 75 -30.04 10.09 34.01
N PHE D 76 -29.97 10.84 32.90
CA PHE D 76 -30.55 12.18 32.90
C PHE D 76 -31.96 12.07 33.49
N SER D 77 -32.40 13.10 34.20
N SER D 77 -32.41 13.11 34.18
CA SER D 77 -33.75 13.10 34.75
CA SER D 77 -33.76 13.10 34.76
C SER D 77 -34.76 13.00 33.60
C SER D 77 -34.84 13.23 33.69
N ASP D 78 -34.44 13.67 32.50
CA ASP D 78 -35.31 13.69 31.33
C ASP D 78 -34.62 12.97 30.18
N ILE D 79 -35.09 11.76 29.85
CA ILE D 79 -34.46 10.99 28.79
C ILE D 79 -35.22 11.02 27.48
N THR D 80 -36.31 11.78 27.43
CA THR D 80 -37.20 11.75 26.26
C THR D 80 -36.52 12.15 24.95
N THR D 81 -35.51 13.01 25.03
CA THR D 81 -34.78 13.45 23.84
C THR D 81 -33.51 12.64 23.57
N ASN D 82 -33.21 11.66 24.42
CA ASN D 82 -31.98 10.89 24.26
C ASN D 82 -32.02 9.99 23.02
N ILE D 83 -30.93 10.03 22.24
CA ILE D 83 -30.71 9.07 21.17
C ILE D 83 -29.72 8.03 21.67
N LEU D 84 -28.69 8.51 22.39
CA LEU D 84 -27.67 7.64 22.98
C LEU D 84 -27.16 8.33 24.25
N GLN D 85 -27.06 7.58 25.34
CA GLN D 85 -26.61 8.15 26.61
C GLN D 85 -25.93 7.02 27.38
N ASP D 86 -24.74 6.64 26.93
CA ASP D 86 -24.12 5.43 27.45
C ASP D 86 -22.64 5.45 27.15
N GLY D 87 -21.89 4.55 27.80
CA GLY D 87 -20.46 4.46 27.55
C GLY D 87 -20.14 3.22 26.74
N LEU D 88 -18.92 3.20 26.20
CA LEU D 88 -18.43 2.07 25.44
C LEU D 88 -16.92 2.00 25.63
N LYS D 89 -16.37 0.80 25.76
CA LYS D 89 -14.93 0.64 25.93
C LYS D 89 -14.31 0.22 24.61
N MET D 90 -13.22 0.88 24.23
N MET D 90 -13.22 0.89 24.23
CA MET D 90 -12.51 0.50 23.00
CA MET D 90 -12.47 0.53 23.03
C MET D 90 -11.66 -0.73 23.23
C MET D 90 -11.74 -0.78 23.24
N ARG D 91 -11.42 -1.48 22.16
CA ARG D 91 -10.68 -2.72 22.29
C ARG D 91 -9.19 -2.57 22.00
N THR D 92 -8.85 -1.65 21.09
CA THR D 92 -7.47 -1.49 20.65
C THR D 92 -6.63 -0.55 21.51
N VAL D 93 -7.30 0.27 22.33
CA VAL D 93 -6.66 1.17 23.29
C VAL D 93 -7.50 1.17 24.58
N PRO D 94 -6.86 1.44 25.73
CA PRO D 94 -7.58 1.37 27.01
C PRO D 94 -8.39 2.65 27.25
N VAL D 95 -9.40 2.85 26.42
CA VAL D 95 -10.16 4.09 26.43
C VAL D 95 -11.63 3.79 26.62
N THR D 96 -12.29 4.59 27.45
CA THR D 96 -13.72 4.49 27.62
C THR D 96 -14.32 5.77 27.06
N LYS D 97 -15.31 5.65 26.19
CA LYS D 97 -15.95 6.85 25.65
C LYS D 97 -17.36 6.99 26.20
N LEU D 98 -17.74 8.22 26.58
CA LEU D 98 -19.12 8.50 26.98
C LEU D 98 -19.81 9.23 25.84
N TYR D 99 -20.93 8.67 25.38
CA TYR D 99 -21.68 9.23 24.24
C TYR D 99 -22.96 9.86 24.75
N THR D 100 -23.17 11.14 24.40
CA THR D 100 -24.42 11.82 24.68
C THR D 100 -24.91 12.39 23.36
N SER D 101 -25.89 11.73 22.76
CA SER D 101 -26.52 12.20 21.53
C SER D 101 -27.98 12.48 21.81
N ARG D 102 -28.45 13.68 21.51
CA ARG D 102 -29.84 14.04 21.79
C ARG D 102 -30.46 14.81 20.63
N MET D 103 -31.78 14.75 20.53
CA MET D 103 -32.47 15.66 19.61
C MET D 103 -32.19 17.10 20.07
N VAL D 104 -31.94 18.00 19.11
CA VAL D 104 -31.69 19.39 19.46
C VAL D 104 -32.99 20.18 19.49
N THR D 105 -33.34 20.68 20.68
CA THR D 105 -34.58 21.41 20.88
C THR D 105 -34.35 22.56 21.84
N ASN D 106 -35.37 23.40 22.00
CA ASN D 106 -35.33 24.46 23.00
C ASN D 106 -35.09 23.97 24.44
N LEU D 107 -35.20 22.66 24.67
CA LEU D 107 -34.94 22.09 25.99
C LEU D 107 -33.60 21.35 26.11
N THR D 108 -32.90 21.17 25.01
CA THR D 108 -31.60 20.49 25.09
C THR D 108 -30.41 21.39 24.73
N VAL D 109 -30.69 22.62 24.31
CA VAL D 109 -29.59 23.58 24.07
C VAL D 109 -28.94 23.96 25.41
N GLY D 110 -27.65 24.25 25.38
CA GLY D 110 -26.96 24.57 26.62
C GLY D 110 -25.52 24.10 26.58
N ARG D 111 -25.04 23.62 27.72
CA ARG D 111 -23.62 23.30 27.90
C ARG D 111 -23.52 21.90 28.46
N TYR D 112 -22.72 21.06 27.80
CA TYR D 112 -22.54 19.67 28.25
C TYR D 112 -21.09 19.53 28.67
N ASP D 113 -20.88 19.22 29.96
CA ASP D 113 -19.54 19.13 30.54
C ASP D 113 -19.22 17.69 30.91
N CYS D 114 -18.21 17.11 30.26
N CYS D 114 -18.22 17.12 30.23
CA CYS D 114 -17.76 15.78 30.62
CA CYS D 114 -17.69 15.80 30.58
C CYS D 114 -16.78 15.86 31.78
C CYS D 114 -16.83 15.95 31.83
N LEU D 115 -17.15 15.20 32.88
CA LEU D 115 -16.49 15.38 34.17
C LEU D 115 -15.57 14.23 34.55
N ARG D 116 -14.54 14.57 35.32
CA ARG D 116 -13.68 13.55 35.93
C ARG D 116 -13.06 14.11 37.20
N CYS D 117 -12.85 13.24 38.18
N CYS D 117 -12.93 13.30 38.25
CA CYS D 117 -12.19 13.61 39.44
CA CYS D 117 -12.22 13.76 39.44
C CYS D 117 -10.69 13.40 39.29
C CYS D 117 -10.74 13.45 39.26
N GLU D 118 -9.90 14.43 39.58
CA GLU D 118 -8.46 14.28 39.57
C GLU D 118 -7.90 14.98 40.80
N ASN D 119 -7.12 14.25 41.60
CA ASN D 119 -6.59 14.79 42.84
C ASN D 119 -7.68 15.35 43.75
N GLY D 120 -8.83 14.69 43.78
CA GLY D 120 -9.91 15.11 44.64
C GLY D 120 -10.56 16.41 44.20
N THR D 121 -10.31 16.82 42.96
CA THR D 121 -10.98 18.00 42.40
C THR D 121 -11.63 17.69 41.06
N THR D 122 -12.75 18.35 40.80
CA THR D 122 -13.52 18.16 39.58
C THR D 122 -12.82 18.81 38.39
N LYS D 123 -12.62 18.02 37.32
CA LYS D 123 -12.09 18.51 36.07
C LYS D 123 -13.17 18.38 35.00
N ILE D 124 -13.08 19.23 33.98
CA ILE D 124 -13.94 19.11 32.80
C ILE D 124 -13.04 18.78 31.63
N ILE D 125 -13.15 17.54 31.15
CA ILE D 125 -12.24 17.13 30.09
C ILE D 125 -12.68 17.66 28.75
N GLU D 126 -13.97 17.89 28.61
CA GLU D 126 -14.48 18.47 27.38
C GLU D 126 -15.82 19.16 27.64
N ARG D 127 -15.98 20.32 27.02
CA ARG D 127 -17.21 21.10 27.15
C ARG D 127 -17.78 21.32 25.77
N LEU D 128 -19.05 21.01 25.60
CA LEU D 128 -19.70 21.25 24.33
C LEU D 128 -20.88 22.18 24.54
N TYR D 129 -20.91 23.28 23.80
CA TYR D 129 -22.11 24.12 23.79
C TYR D 129 -22.98 23.68 22.63
N VAL D 130 -24.29 23.57 22.87
CA VAL D 130 -25.26 23.17 21.84
C VAL D 130 -26.22 24.32 21.59
N ARG D 131 -26.40 24.66 20.31
CA ARG D 131 -27.28 25.76 19.94
C ARG D 131 -28.26 25.29 18.87
N LEU D 132 -29.38 25.99 18.69
CA LEU D 132 -30.29 25.64 17.61
C LEU D 132 -29.63 25.88 16.25
N GLY D 133 -30.16 25.22 15.22
CA GLY D 133 -29.59 25.33 13.89
C GLY D 133 -29.81 26.71 13.29
#